data_8Z2N
#
_entry.id   8Z2N
#
_cell.length_a   57.787
_cell.length_b   92.032
_cell.length_c   167.644
_cell.angle_alpha   90.000
_cell.angle_beta   90.000
_cell.angle_gamma   90.000
#
_symmetry.space_group_name_H-M   'P 21 21 21'
#
loop_
_entity.id
_entity.type
_entity.pdbx_description
1 polymer Glycinyltransferase
2 polymer "DNA (5'-D(*TP*AP*GP*TP*CP*GP*TP*CP*GP*AP*CP*TP*A)-3')"
3 polymer "DNA (5'-D(*TP*AP*GP*TP*CP*GP*AP*CP*GP*AP*CP*TP*A)-3')"
4 non-polymer 'SULFATE ION'
5 non-polymer 'CALCIUM ION'
6 non-polymer GLYCEROL
7 non-polymer GLYCINE
8 water water
#
loop_
_entity_poly.entity_id
_entity_poly.type
_entity_poly.pdbx_seq_one_letter_code
_entity_poly.pdbx_strand_id
1 'polypeptide(L)'
;MSRNYEKLSIEEFGAHLLGTVDLDPIYLALRRMELPEAQLNRWLLAYWCLYNGGEASYLSEFEGREFFEMLNHAAENVRE
APIGGRWPRGAERRHWRGAQATSSVEYLIDRYDDRPEDMAAYCAGQGGTFLEVTKRVQEHRLFGPWIGFKVADMVDRVLG
KPVSFDNAAVFMFKDPYKAACIQYEVNPNIPDHVLADGSVAPRNRELVTPETVHHVAQHLIEHFKGFQAPPLGDRPVNIQ
EVETILCKWKSHQNGHYPLFKDIVEIREAALPWAKVSKTAQAFFEAMPEVTQ
;
B,CA00
2 'polydeoxyribonucleotide' (DT)(DA)(DG)(DT)(DC)(DG)(DT)(DC)(DG)(DA)(DC)(DT)(DA) C
3 'polydeoxyribonucleotide' (DT)(DA)(DG)(DT)(DC)(DG)(DA)(DC)(DG)(DA)(DC)(DT)(DA) D
#
loop_
_chem_comp.id
_chem_comp.type
_chem_comp.name
_chem_comp.formula
CA non-polymer 'CALCIUM ION' 'Ca 2'
DA DNA linking 2'-DEOXYADENOSINE-5'-MONOPHOSPHATE 'C10 H14 N5 O6 P'
DC DNA linking 2'-DEOXYCYTIDINE-5'-MONOPHOSPHATE 'C9 H14 N3 O7 P'
DG DNA linking 2'-DEOXYGUANOSINE-5'-MONOPHOSPHATE 'C10 H14 N5 O7 P'
DT DNA linking THYMIDINE-5'-MONOPHOSPHATE 'C10 H15 N2 O8 P'
GOL non-polymer GLYCEROL 'C3 H8 O3'
SO4 non-polymer 'SULFATE ION' 'O4 S -2'
#
# COMPACT_ATOMS: atom_id res chain seq x y z
N ASN A 4 35.77 -27.37 -2.21
CA ASN A 4 35.26 -27.05 -0.87
C ASN A 4 36.26 -26.34 0.02
N TYR A 5 35.78 -25.89 1.17
CA TYR A 5 36.63 -25.20 2.14
C TYR A 5 36.17 -25.58 3.54
N GLU A 6 37.00 -25.25 4.51
CA GLU A 6 36.65 -25.50 5.89
C GLU A 6 35.53 -24.56 6.33
N LYS A 7 34.46 -25.16 6.87
CA LYS A 7 33.34 -24.43 7.45
C LYS A 7 33.69 -24.17 8.92
N LEU A 8 33.76 -22.90 9.30
CA LEU A 8 34.13 -22.47 10.63
C LEU A 8 32.89 -22.23 11.49
N SER A 9 33.08 -22.29 12.81
CA SER A 9 32.06 -21.81 13.73
C SER A 9 31.87 -20.31 13.54
N ILE A 10 30.76 -19.80 14.07
CA ILE A 10 30.47 -18.38 13.97
C ILE A 10 31.50 -17.58 14.76
N GLU A 11 31.96 -18.12 15.89
CA GLU A 11 32.90 -17.38 16.73
C GLU A 11 34.21 -17.16 15.99
N GLU A 12 34.68 -18.18 15.29
CA GLU A 12 35.93 -18.12 14.57
C GLU A 12 35.77 -17.40 13.25
N PHE A 13 34.63 -17.61 12.58
CA PHE A 13 34.38 -16.92 11.32
C PHE A 13 34.15 -15.44 11.55
N GLY A 14 33.43 -15.09 12.63
CA GLY A 14 33.20 -13.70 12.96
C GLY A 14 34.47 -12.98 13.37
N ALA A 15 35.31 -13.66 14.15
CA ALA A 15 36.61 -13.08 14.51
C ALA A 15 37.42 -12.78 13.25
N HIS A 16 37.36 -13.68 12.24
CA HIS A 16 38.06 -13.43 10.99
C HIS A 16 37.49 -12.20 10.29
N LEU A 17 36.17 -12.10 10.20
CA LEU A 17 35.56 -10.94 9.54
C LEU A 17 35.96 -9.63 10.22
N LEU A 18 36.06 -9.64 11.54
CA LEU A 18 36.36 -8.41 12.29
C LEU A 18 37.83 -8.05 12.17
N GLY A 19 38.72 -9.02 12.36
CA GLY A 19 40.14 -8.72 12.34
C GLY A 19 40.64 -8.29 10.97
N THR A 20 40.12 -8.90 9.90
CA THR A 20 40.58 -8.62 8.54
C THR A 20 39.79 -7.53 7.83
N VAL A 21 38.90 -6.83 8.55
CA VAL A 21 38.00 -5.80 8.02
C VAL A 21 37.23 -6.29 6.78
N ASP A 22 37.08 -7.62 6.66
CA ASP A 22 36.22 -8.23 5.64
C ASP A 22 34.74 -8.17 6.01
N LEU A 23 34.39 -7.70 7.22
CA LEU A 23 33.00 -7.58 7.61
C LEU A 23 32.23 -6.68 6.64
N ASP A 24 32.68 -5.43 6.51
CA ASP A 24 32.05 -4.48 5.59
C ASP A 24 33.13 -3.54 5.11
N PRO A 25 33.94 -3.97 4.13
CA PRO A 25 35.10 -3.15 3.71
C PRO A 25 34.75 -1.85 3.00
N ILE A 26 33.55 -1.74 2.40
CA ILE A 26 33.14 -0.52 1.71
C ILE A 26 33.10 0.66 2.67
N TYR A 27 32.73 0.42 3.94
CA TYR A 27 32.62 1.52 4.91
C TYR A 27 33.97 2.16 5.16
N LEU A 28 35.01 1.34 5.32
CA LEU A 28 36.35 1.85 5.49
C LEU A 28 36.80 2.63 4.26
N ALA A 29 36.63 2.03 3.08
CA ALA A 29 37.01 2.72 1.85
C ALA A 29 36.30 4.07 1.76
N LEU A 30 35.00 4.09 2.05
CA LEU A 30 34.28 5.36 1.97
C LEU A 30 34.85 6.36 2.95
N ARG A 31 35.09 5.93 4.20
CA ARG A 31 35.60 6.85 5.21
C ARG A 31 36.93 7.43 4.78
N ARG A 32 37.76 6.61 4.13
CA ARG A 32 39.08 7.05 3.69
C ARG A 32 38.97 8.05 2.55
N MET A 33 38.02 7.87 1.64
CA MET A 33 37.96 8.74 0.47
C MET A 33 37.64 10.19 0.84
N GLU A 34 36.92 10.42 1.95
CA GLU A 34 36.57 11.76 2.44
C GLU A 34 36.01 12.67 1.35
N LEU A 35 35.01 12.15 0.62
CA LEU A 35 34.40 12.88 -0.49
C LEU A 35 33.58 14.07 0.01
N PRO A 36 33.35 15.09 -0.82
CA PRO A 36 32.46 16.19 -0.38
C PRO A 36 31.04 15.68 -0.20
N GLU A 37 30.30 16.41 0.66
CA GLU A 37 28.99 16.00 1.14
C GLU A 37 28.07 15.59 0.00
N ALA A 38 27.86 16.50 -0.96
CA ALA A 38 26.90 16.18 -2.03
C ALA A 38 27.34 14.96 -2.84
N GLN A 39 28.65 14.81 -3.09
CA GLN A 39 29.09 13.65 -3.84
C GLN A 39 28.90 12.37 -3.04
N LEU A 40 29.18 12.42 -1.74
CA LEU A 40 28.97 11.25 -0.91
C LEU A 40 27.52 10.80 -0.97
N ASN A 41 26.59 11.76 -0.96
CA ASN A 41 25.18 11.38 -1.06
C ASN A 41 24.87 10.77 -2.42
N ARG A 42 25.50 11.28 -3.48
CA ARG A 42 25.29 10.71 -4.81
C ARG A 42 25.96 9.34 -4.94
N TRP A 43 27.15 9.20 -4.39
CA TRP A 43 27.81 7.90 -4.38
C TRP A 43 26.92 6.86 -3.70
N LEU A 44 26.32 7.23 -2.57
CA LEU A 44 25.52 6.31 -1.79
C LEU A 44 24.25 5.94 -2.53
N LEU A 45 23.56 6.92 -3.10
CA LEU A 45 22.34 6.59 -3.81
C LEU A 45 22.63 5.66 -4.98
N ALA A 46 23.72 5.92 -5.70
CA ALA A 46 24.07 5.03 -6.80
C ALA A 46 24.36 3.63 -6.29
N TYR A 47 25.17 3.54 -5.23
CA TYR A 47 25.49 2.25 -4.64
C TYR A 47 24.25 1.54 -4.13
N TRP A 48 23.31 2.28 -3.52
CA TRP A 48 22.12 1.64 -3.01
C TRP A 48 21.17 1.13 -4.09
N CYS A 49 21.36 1.56 -5.34
CA CYS A 49 20.57 1.11 -6.47
C CYS A 49 21.23 -0.04 -7.24
N LEU A 50 22.56 -0.01 -7.33
CA LEU A 50 23.33 -0.91 -8.16
C LEU A 50 24.29 -1.77 -7.37
N TYR A 51 24.57 -1.41 -6.13
CA TYR A 51 25.45 -2.16 -5.22
C TYR A 51 26.76 -2.55 -5.91
N ASN A 52 27.41 -1.56 -6.52
CA ASN A 52 28.72 -1.73 -7.15
C ASN A 52 29.52 -0.46 -6.91
N GLY A 53 30.56 -0.58 -6.09
CA GLY A 53 31.28 0.59 -5.61
C GLY A 53 31.95 1.38 -6.72
N GLY A 54 32.67 0.68 -7.61
CA GLY A 54 33.32 1.35 -8.72
C GLY A 54 32.32 2.05 -9.63
N GLU A 55 31.20 1.38 -9.91
CA GLU A 55 30.19 2.01 -10.76
C GLU A 55 29.61 3.23 -10.07
N ALA A 56 29.34 3.11 -8.77
CA ALA A 56 28.80 4.22 -7.99
C ALA A 56 29.77 5.38 -7.95
N SER A 57 31.08 5.08 -7.86
CA SER A 57 32.09 6.13 -7.85
C SER A 57 32.05 6.93 -9.15
N TYR A 58 32.05 6.22 -10.28
CA TYR A 58 31.94 6.90 -11.57
C TYR A 58 30.69 7.81 -11.62
N LEU A 59 29.53 7.26 -11.32
CA LEU A 59 28.29 8.01 -11.40
C LEU A 59 28.24 9.14 -10.37
N SER A 60 29.01 9.04 -9.28
CA SER A 60 28.96 10.03 -8.21
C SER A 60 29.55 11.37 -8.65
N GLU A 61 30.29 11.38 -9.75
CA GLU A 61 30.92 12.59 -10.26
C GLU A 61 29.95 13.43 -11.12
N PHE A 62 28.86 12.85 -11.60
CA PHE A 62 27.85 13.66 -12.28
C PHE A 62 26.91 14.26 -11.25
N GLU A 63 26.39 15.46 -11.56
CA GLU A 63 25.62 16.26 -10.62
C GLU A 63 24.23 16.57 -11.19
N GLY A 64 23.32 16.91 -10.27
CA GLY A 64 22.00 17.41 -10.63
C GLY A 64 21.23 16.44 -11.49
N ARG A 65 20.53 16.98 -12.50
CA ARG A 65 19.79 16.08 -13.39
C ARG A 65 20.71 15.23 -14.26
N GLU A 66 21.96 15.64 -14.45
CA GLU A 66 22.86 14.78 -15.20
C GLU A 66 23.16 13.49 -14.41
N PHE A 67 23.09 13.56 -13.07
CA PHE A 67 23.23 12.34 -12.29
C PHE A 67 22.10 11.37 -12.58
N PHE A 68 20.86 11.86 -12.56
CA PHE A 68 19.77 10.91 -12.81
C PHE A 68 19.76 10.43 -14.25
N GLU A 69 20.18 11.25 -15.20
CA GLU A 69 20.22 10.78 -16.58
C GLU A 69 21.16 9.59 -16.71
N MET A 70 22.33 9.67 -16.08
CA MET A 70 23.32 8.61 -16.10
C MET A 70 22.86 7.39 -15.29
N LEU A 71 22.10 7.62 -14.21
CA LEU A 71 21.55 6.51 -13.44
C LEU A 71 20.44 5.80 -14.20
N ASN A 72 19.63 6.56 -14.95
CA ASN A 72 18.66 5.92 -15.84
C ASN A 72 19.37 5.13 -16.93
N HIS A 73 20.57 5.54 -17.33
CA HIS A 73 21.29 4.75 -18.33
C HIS A 73 21.73 3.42 -17.73
N ALA A 74 22.20 3.43 -16.48
CA ALA A 74 22.53 2.17 -15.82
C ALA A 74 21.28 1.33 -15.59
N ALA A 75 20.15 1.97 -15.29
CA ALA A 75 18.88 1.26 -15.09
C ALA A 75 18.37 0.64 -16.38
N GLU A 76 18.57 1.31 -17.51
CA GLU A 76 18.11 0.73 -18.79
C GLU A 76 19.08 -0.31 -19.32
N ASN A 77 20.37 -0.15 -19.05
CA ASN A 77 21.38 -1.13 -19.46
C ASN A 77 21.34 -1.45 -20.96
N VAL A 78 21.08 -0.42 -21.78
CA VAL A 78 21.03 -0.57 -23.23
C VAL A 78 22.23 0.07 -23.92
N ARG A 79 22.71 1.20 -23.40
N ARG A 79 22.72 1.18 -23.39
CA ARG A 79 23.97 1.75 -23.88
CA ARG A 79 23.96 1.72 -23.91
C ARG A 79 25.12 1.01 -23.20
C ARG A 79 25.12 1.06 -23.18
N GLU A 80 26.26 0.98 -23.87
CA GLU A 80 27.43 0.36 -23.26
C GLU A 80 27.83 1.15 -22.02
N ALA A 81 28.66 0.53 -21.24
CA ALA A 81 29.09 1.08 -19.99
C ALA A 81 30.51 1.60 -20.16
N PRO A 82 30.89 2.67 -19.46
CA PRO A 82 32.22 3.26 -19.67
C PRO A 82 33.34 2.28 -19.44
N ILE A 83 33.03 1.15 -18.80
CA ILE A 83 33.99 0.08 -18.59
C ILE A 83 33.97 -0.90 -19.75
N GLY A 84 33.03 -0.75 -20.67
CA GLY A 84 32.86 -1.70 -21.74
C GLY A 84 31.99 -2.81 -21.22
N GLY A 85 30.99 -3.22 -21.99
CA GLY A 85 30.08 -4.24 -21.53
C GLY A 85 28.80 -3.64 -20.98
N ARG A 86 28.12 -4.41 -20.14
CA ARG A 86 26.89 -3.93 -19.55
C ARG A 86 27.16 -3.18 -18.26
N TRP A 87 26.13 -2.48 -17.77
CA TRP A 87 26.21 -1.75 -16.51
C TRP A 87 26.08 -2.76 -15.36
N PRO A 88 27.14 -2.99 -14.60
CA PRO A 88 27.14 -4.12 -13.67
C PRO A 88 26.23 -3.90 -12.47
N ARG A 89 25.76 -5.01 -11.90
CA ARG A 89 24.99 -4.99 -10.66
C ARG A 89 25.71 -5.84 -9.63
N GLY A 90 25.67 -5.41 -8.37
CA GLY A 90 26.04 -6.30 -7.28
C GLY A 90 25.03 -7.42 -7.14
N ALA A 91 25.50 -8.56 -6.64
CA ALA A 91 24.63 -9.74 -6.59
C ALA A 91 23.36 -9.41 -5.81
N GLU A 92 23.51 -8.66 -4.71
CA GLU A 92 22.37 -8.24 -3.89
C GLU A 92 21.41 -7.33 -4.65
N ARG A 93 21.86 -6.70 -5.75
CA ARG A 93 20.96 -5.91 -6.56
C ARG A 93 20.69 -6.53 -7.93
N ARG A 94 20.94 -7.84 -8.08
CA ARG A 94 20.75 -8.54 -9.34
C ARG A 94 19.36 -8.30 -9.93
N HIS A 95 18.37 -7.98 -9.10
CA HIS A 95 17.02 -7.76 -9.58
C HIS A 95 16.69 -6.29 -9.88
N TRP A 96 17.64 -5.36 -9.69
CA TRP A 96 17.42 -3.94 -10.01
C TRP A 96 17.66 -3.75 -11.51
N ARG A 97 16.65 -4.15 -12.30
CA ARG A 97 16.73 -4.24 -13.75
C ARG A 97 15.36 -4.00 -14.36
N GLY A 98 15.35 -3.84 -15.68
CA GLY A 98 14.09 -3.78 -16.37
C GLY A 98 13.17 -2.69 -15.85
N ALA A 99 11.87 -2.95 -15.95
CA ALA A 99 10.90 -1.95 -15.51
C ALA A 99 11.04 -1.62 -14.03
N GLN A 100 11.56 -2.56 -13.23
CA GLN A 100 11.77 -2.29 -11.82
C GLN A 100 12.85 -1.24 -11.59
N ALA A 101 13.96 -1.33 -12.33
CA ALA A 101 15.01 -0.32 -12.20
C ALA A 101 14.54 1.05 -12.72
N THR A 102 13.88 1.08 -13.87
CA THR A 102 13.49 2.36 -14.43
C THR A 102 12.37 2.98 -13.59
N SER A 103 11.43 2.16 -13.13
CA SER A 103 10.43 2.64 -12.18
C SER A 103 11.08 3.19 -10.93
N SER A 104 12.14 2.52 -10.46
CA SER A 104 12.86 3.03 -9.31
C SER A 104 13.46 4.40 -9.60
N VAL A 105 14.06 4.55 -10.79
CA VAL A 105 14.75 5.80 -11.10
C VAL A 105 13.74 6.90 -11.33
N GLU A 106 12.67 6.60 -12.06
CA GLU A 106 11.62 7.59 -12.26
C GLU A 106 11.10 8.10 -10.93
N TYR A 107 10.93 7.20 -9.95
CA TYR A 107 10.47 7.61 -8.64
C TYR A 107 11.44 8.60 -8.01
N LEU A 108 12.74 8.34 -8.14
CA LEU A 108 13.71 9.23 -7.54
C LEU A 108 13.72 10.60 -8.24
N ILE A 109 13.59 10.61 -9.57
CA ILE A 109 13.53 11.87 -10.30
C ILE A 109 12.30 12.65 -9.90
N ASP A 110 11.15 11.97 -9.83
CA ASP A 110 9.91 12.64 -9.47
C ASP A 110 10.02 13.32 -8.10
N ARG A 111 10.84 12.78 -7.20
CA ARG A 111 10.88 13.27 -5.83
C ARG A 111 12.05 14.21 -5.56
N TYR A 112 13.19 14.02 -6.22
CA TYR A 112 14.37 14.82 -5.92
C TYR A 112 14.78 15.73 -7.07
N ASP A 113 14.20 15.54 -8.26
CA ASP A 113 14.40 16.39 -9.43
C ASP A 113 15.87 16.61 -9.70
N ASP A 114 16.38 17.82 -9.41
CA ASP A 114 17.75 18.19 -9.71
C ASP A 114 18.66 18.13 -8.48
N ARG A 115 18.15 17.60 -7.37
CA ARG A 115 18.90 17.46 -6.12
C ARG A 115 19.02 15.99 -5.71
N PRO A 116 19.76 15.18 -6.47
CA PRO A 116 19.92 13.77 -6.07
C PRO A 116 20.57 13.62 -4.72
N GLU A 117 21.33 14.64 -4.27
CA GLU A 117 21.98 14.60 -2.97
C GLU A 117 20.97 14.50 -1.85
N ASP A 118 19.71 14.85 -2.11
CA ASP A 118 18.73 14.93 -1.05
C ASP A 118 18.24 13.56 -0.60
N MET A 119 18.38 12.53 -1.43
CA MET A 119 17.84 11.22 -1.06
C MET A 119 18.55 10.70 0.19
N ALA A 120 19.86 10.52 0.10
CA ALA A 120 20.61 10.05 1.27
C ALA A 120 20.47 11.01 2.44
N ALA A 121 20.41 12.33 2.19
CA ALA A 121 20.24 13.27 3.29
C ALA A 121 18.90 13.07 3.99
N TYR A 122 17.85 12.84 3.21
CA TYR A 122 16.55 12.55 3.83
C TYR A 122 16.59 11.22 4.59
N CYS A 123 17.15 10.17 3.97
CA CYS A 123 17.30 8.93 4.69
C CYS A 123 18.10 9.15 5.97
N ALA A 124 19.21 9.86 5.87
CA ALA A 124 20.05 10.05 7.06
C ALA A 124 19.34 10.95 8.07
N GLY A 125 18.66 11.98 7.60
CA GLY A 125 18.15 12.96 8.55
C GLY A 125 19.23 13.36 9.52
N GLN A 126 18.89 13.45 10.80
CA GLN A 126 19.87 13.54 11.86
C GLN A 126 20.01 12.22 12.62
N GLY A 127 19.66 11.12 11.98
CA GLY A 127 19.74 9.85 12.68
C GLY A 127 18.37 9.45 13.19
N GLY A 128 18.33 8.92 14.40
CA GLY A 128 17.07 8.45 14.91
C GLY A 128 17.12 6.96 15.16
N THR A 129 15.97 6.33 15.29
CA THR A 129 15.99 4.90 15.52
C THR A 129 16.14 4.14 14.20
N PHE A 130 16.79 2.96 14.29
CA PHE A 130 16.87 2.07 13.14
C PHE A 130 15.52 2.00 12.46
N LEU A 131 14.47 1.82 13.28
CA LEU A 131 13.13 1.69 12.74
C LEU A 131 12.74 2.93 11.95
N GLU A 132 13.06 4.12 12.49
CA GLU A 132 12.73 5.38 11.82
C GLU A 132 13.46 5.49 10.50
N VAL A 133 14.75 5.17 10.49
CA VAL A 133 15.53 5.32 9.28
C VAL A 133 15.10 4.33 8.21
N THR A 134 14.89 3.04 8.58
CA THR A 134 14.52 2.06 7.54
C THR A 134 13.17 2.41 6.94
N LYS A 135 12.27 3.00 7.73
CA LYS A 135 10.99 3.43 7.15
C LYS A 135 11.19 4.58 6.18
N ARG A 136 12.13 5.48 6.45
CA ARG A 136 12.44 6.54 5.49
C ARG A 136 13.04 5.96 4.23
N VAL A 137 14.00 5.06 4.39
CA VAL A 137 14.60 4.41 3.23
C VAL A 137 13.53 3.70 2.42
N GLN A 138 12.62 3.03 3.09
CA GLN A 138 11.67 2.17 2.40
C GLN A 138 10.52 2.92 1.77
N GLU A 139 10.51 4.26 1.86
CA GLU A 139 9.54 5.03 1.10
C GLU A 139 9.83 4.96 -0.41
N HIS A 140 11.10 4.78 -0.75
CA HIS A 140 11.51 4.82 -2.15
C HIS A 140 11.24 3.51 -2.87
N ARG A 141 10.78 3.63 -4.11
CA ARG A 141 10.49 2.47 -4.94
C ARG A 141 11.70 1.55 -5.07
N LEU A 142 11.44 0.24 -4.98
CA LEU A 142 12.49 -0.78 -5.06
C LEU A 142 13.49 -0.67 -3.91
N PHE A 143 13.06 -0.12 -2.79
CA PHE A 143 13.83 -0.09 -1.55
C PHE A 143 12.98 -0.79 -0.51
N GLY A 144 13.44 -1.97 -0.08
CA GLY A 144 12.71 -2.75 0.89
C GLY A 144 13.54 -3.00 2.13
N PRO A 145 13.17 -4.03 2.88
CA PRO A 145 13.76 -4.19 4.22
C PRO A 145 15.26 -4.46 4.21
N TRP A 146 15.78 -5.22 3.23
CA TRP A 146 17.22 -5.46 3.19
C TRP A 146 18.00 -4.15 3.10
N ILE A 147 17.75 -3.37 2.04
CA ILE A 147 18.48 -2.12 1.84
C ILE A 147 18.20 -1.11 2.94
N GLY A 148 16.99 -1.13 3.51
CA GLY A 148 16.69 -0.23 4.61
C GLY A 148 17.61 -0.44 5.79
N PHE A 149 17.78 -1.71 6.18
CA PHE A 149 18.69 -2.04 7.27
C PHE A 149 20.12 -1.70 6.88
N LYS A 150 20.49 -1.97 5.62
CA LYS A 150 21.83 -1.63 5.13
C LYS A 150 22.06 -0.13 5.20
N VAL A 151 21.14 0.67 4.65
CA VAL A 151 21.32 2.12 4.68
C VAL A 151 21.45 2.59 6.12
N ALA A 152 20.57 2.10 7.00
CA ALA A 152 20.59 2.49 8.40
C ALA A 152 21.95 2.22 9.02
N ASP A 153 22.53 1.06 8.69
CA ASP A 153 23.89 0.73 9.11
C ASP A 153 24.88 1.77 8.55
N MET A 154 24.68 2.17 7.31
CA MET A 154 25.66 3.04 6.68
C MET A 154 25.53 4.48 7.17
N VAL A 155 24.32 4.91 7.53
CA VAL A 155 24.14 6.25 8.07
C VAL A 155 24.98 6.43 9.32
N ASP A 156 25.12 5.36 10.11
CA ASP A 156 25.92 5.36 11.33
C ASP A 156 27.38 5.05 11.02
N ARG A 157 27.66 3.97 10.28
CA ARG A 157 29.05 3.58 10.10
C ARG A 157 29.77 4.52 9.15
N VAL A 158 29.07 5.07 8.15
CA VAL A 158 29.71 5.91 7.15
C VAL A 158 29.43 7.39 7.40
N LEU A 159 28.15 7.75 7.57
CA LEU A 159 27.78 9.17 7.71
C LEU A 159 27.94 9.68 9.13
N GLY A 160 28.07 8.79 10.11
CA GLY A 160 28.34 9.22 11.48
C GLY A 160 27.18 9.83 12.21
N LYS A 161 25.97 9.71 11.69
CA LYS A 161 24.80 10.18 12.43
C LYS A 161 24.33 9.13 13.46
N PRO A 162 23.70 9.57 14.55
CA PRO A 162 23.36 8.64 15.63
C PRO A 162 22.10 7.83 15.32
N VAL A 163 22.29 6.55 15.04
CA VAL A 163 21.18 5.63 14.80
C VAL A 163 21.16 4.56 15.88
N SER A 164 20.11 4.56 16.69
CA SER A 164 19.99 3.57 17.75
C SER A 164 19.43 2.25 17.17
N PHE A 165 20.22 1.19 17.26
CA PHE A 165 19.85 -0.13 16.73
C PHE A 165 19.38 -1.07 17.83
N ASP A 166 19.06 -0.51 18.99
CA ASP A 166 18.73 -1.34 20.15
C ASP A 166 17.49 -2.19 19.88
N ASN A 167 17.58 -3.46 20.23
CA ASN A 167 16.50 -4.43 20.01
C ASN A 167 16.12 -4.55 18.55
N ALA A 168 17.07 -4.30 17.63
CA ALA A 168 16.78 -4.47 16.21
C ALA A 168 16.85 -5.92 15.77
N ALA A 169 17.32 -6.82 16.63
CA ALA A 169 17.53 -8.21 16.21
C ALA A 169 16.28 -8.82 15.60
N VAL A 170 15.12 -8.58 16.23
CA VAL A 170 13.89 -9.18 15.73
C VAL A 170 13.46 -8.60 14.38
N PHE A 171 14.13 -7.55 13.89
CA PHE A 171 13.79 -6.95 12.61
C PHE A 171 14.81 -7.27 11.52
N MET A 172 15.80 -8.11 11.80
CA MET A 172 16.81 -8.38 10.80
C MET A 172 16.14 -8.99 9.58
N PHE A 173 16.77 -8.80 8.43
CA PHE A 173 16.28 -9.32 7.17
C PHE A 173 16.26 -10.87 7.19
N LYS A 174 15.53 -11.44 6.22
CA LYS A 174 15.27 -12.88 6.13
C LYS A 174 16.49 -13.73 6.49
N ASP A 175 17.59 -13.49 5.79
CA ASP A 175 18.74 -14.40 5.90
C ASP A 175 19.43 -14.31 7.25
N PRO A 176 19.80 -13.12 7.76
CA PRO A 176 20.44 -13.10 9.10
C PRO A 176 19.52 -13.67 10.14
N TYR A 177 18.21 -13.39 9.99
CA TYR A 177 17.22 -13.90 10.93
C TYR A 177 17.20 -15.44 10.91
N LYS A 178 17.16 -16.04 9.72
CA LYS A 178 17.31 -17.50 9.61
C LYS A 178 18.67 -17.98 10.13
N ALA A 179 19.71 -17.18 9.96
CA ALA A 179 21.01 -17.55 10.53
C ALA A 179 20.93 -17.63 12.05
N ALA A 180 20.22 -16.69 12.69
CA ALA A 180 20.05 -16.76 14.14
C ALA A 180 19.21 -17.98 14.55
N CYS A 181 18.21 -18.35 13.74
CA CYS A 181 17.43 -19.55 14.01
C CYS A 181 18.30 -20.79 13.95
N ILE A 182 19.10 -20.92 12.88
CA ILE A 182 20.03 -22.04 12.74
C ILE A 182 21.00 -22.05 13.93
N GLN A 183 21.49 -20.87 14.30
CA GLN A 183 22.47 -20.74 15.39
C GLN A 183 21.92 -21.30 16.70
N TYR A 184 20.68 -20.96 17.08
CA TYR A 184 20.13 -21.52 18.32
C TYR A 184 20.08 -23.04 18.25
N GLU A 185 19.84 -23.61 17.08
CA GLU A 185 19.80 -25.07 17.01
C GLU A 185 21.21 -25.63 17.19
N VAL A 186 22.19 -25.09 16.46
CA VAL A 186 23.48 -25.77 16.27
C VAL A 186 24.62 -25.30 17.14
N ASN A 187 24.57 -24.09 17.70
CA ASN A 187 25.74 -23.56 18.40
C ASN A 187 25.67 -23.91 19.89
N PRO A 188 26.49 -24.86 20.38
CA PRO A 188 26.39 -25.26 21.79
C PRO A 188 26.80 -24.18 22.76
N ASN A 189 27.52 -23.16 22.29
CA ASN A 189 27.92 -22.03 23.12
C ASN A 189 26.75 -21.12 23.48
N ILE A 190 25.70 -21.10 22.69
CA ILE A 190 24.55 -20.26 23.02
C ILE A 190 23.81 -20.95 24.16
N PRO A 191 23.65 -20.31 25.32
CA PRO A 191 22.91 -20.96 26.42
C PRO A 191 21.46 -21.15 26.04
N ASP A 192 20.81 -22.09 26.75
CA ASP A 192 19.38 -22.31 26.57
C ASP A 192 18.59 -21.04 26.80
N HIS A 193 17.55 -20.83 26.00
CA HIS A 193 16.72 -19.65 26.17
C HIS A 193 15.56 -20.03 27.08
N VAL A 194 15.61 -19.58 28.34
CA VAL A 194 14.57 -19.85 29.32
C VAL A 194 13.48 -18.79 29.17
N LEU A 195 12.28 -19.21 28.75
CA LEU A 195 11.18 -18.28 28.57
C LEU A 195 10.62 -17.83 29.93
N ALA A 196 9.77 -16.80 29.85
CA ALA A 196 9.20 -16.19 31.05
C ALA A 196 8.48 -17.23 31.90
N ASP A 197 7.83 -18.21 31.28
CA ASP A 197 7.20 -19.26 32.07
C ASP A 197 8.20 -20.31 32.56
N GLY A 198 9.51 -20.10 32.41
CA GLY A 198 10.49 -21.06 32.88
C GLY A 198 10.79 -22.20 31.93
N SER A 199 10.06 -22.31 30.84
CA SER A 199 10.31 -23.40 29.90
C SER A 199 11.48 -23.05 28.99
N VAL A 200 12.16 -24.08 28.47
CA VAL A 200 13.31 -23.91 27.59
C VAL A 200 12.86 -24.02 26.15
N ALA A 201 13.25 -23.03 25.33
CA ALA A 201 12.92 -23.05 23.91
C ALA A 201 13.70 -24.17 23.20
N PRO A 202 13.02 -24.98 22.37
CA PRO A 202 13.68 -26.15 21.75
C PRO A 202 14.72 -25.78 20.71
N ARG A 203 15.77 -26.58 20.72
CA ARG A 203 16.92 -26.50 19.84
C ARG A 203 16.54 -26.98 18.45
N ASN A 204 15.70 -26.21 17.78
CA ASN A 204 15.15 -26.60 16.49
C ASN A 204 14.93 -25.33 15.68
N ARG A 205 15.65 -25.21 14.55
CA ARG A 205 15.67 -23.96 13.77
C ARG A 205 14.29 -23.58 13.26
N GLU A 206 13.41 -24.58 13.07
CA GLU A 206 12.10 -24.34 12.48
C GLU A 206 11.08 -23.93 13.53
N LEU A 207 11.48 -23.90 14.81
CA LEU A 207 10.61 -23.48 15.91
C LEU A 207 11.24 -22.38 16.75
N VAL A 208 12.04 -21.51 16.15
CA VAL A 208 12.66 -20.38 16.84
C VAL A 208 11.79 -19.14 16.69
N THR A 209 11.42 -18.53 17.81
CA THR A 209 10.54 -17.34 17.85
C THR A 209 11.38 -16.06 17.90
N PRO A 210 10.78 -14.88 17.65
CA PRO A 210 11.57 -13.62 17.72
C PRO A 210 12.35 -13.42 19.00
N GLU A 211 11.76 -13.77 20.16
CA GLU A 211 12.46 -13.59 21.43
C GLU A 211 13.67 -14.52 21.52
N THR A 212 13.60 -15.69 20.90
CA THR A 212 14.79 -16.52 20.85
C THR A 212 15.82 -15.95 19.87
N VAL A 213 15.35 -15.35 18.76
CA VAL A 213 16.29 -14.68 17.85
C VAL A 213 17.00 -13.54 18.55
N HIS A 214 16.26 -12.79 19.38
CA HIS A 214 16.86 -11.71 20.16
C HIS A 214 17.86 -12.26 21.17
N HIS A 215 17.48 -13.36 21.83
CA HIS A 215 18.38 -14.04 22.76
C HIS A 215 19.65 -14.50 22.05
N VAL A 216 19.54 -15.03 20.83
CA VAL A 216 20.74 -15.43 20.08
C VAL A 216 21.60 -14.22 19.78
N ALA A 217 20.98 -13.19 19.20
CA ALA A 217 21.70 -11.96 18.87
C ALA A 217 22.35 -11.37 20.11
N GLN A 218 21.68 -11.42 21.25
CA GLN A 218 22.29 -10.85 22.44
C GLN A 218 23.50 -11.64 22.91
N HIS A 219 23.52 -12.97 22.69
CA HIS A 219 24.67 -13.76 23.15
C HIS A 219 25.89 -13.52 22.27
N LEU A 220 25.66 -13.31 20.97
CA LEU A 220 26.76 -13.05 20.05
C LEU A 220 27.33 -11.65 20.26
N ILE A 221 26.47 -10.68 20.61
CA ILE A 221 26.96 -9.35 20.94
C ILE A 221 27.93 -9.44 22.11
N GLU A 222 27.53 -10.17 23.15
CA GLU A 222 28.41 -10.32 24.30
C GLU A 222 29.70 -11.03 23.91
N HIS A 223 29.61 -12.07 23.07
CA HIS A 223 30.80 -12.83 22.66
C HIS A 223 31.82 -11.93 21.95
N PHE A 224 31.38 -11.03 21.08
CA PHE A 224 32.32 -10.19 20.33
C PHE A 224 32.61 -8.86 21.01
N LYS A 225 32.19 -8.68 22.27
CA LYS A 225 32.30 -7.37 22.93
C LYS A 225 33.74 -6.92 23.08
N GLY A 226 34.70 -7.85 23.05
CA GLY A 226 36.09 -7.45 23.03
C GLY A 226 36.57 -6.89 21.72
N PHE A 227 35.71 -6.90 20.69
CA PHE A 227 36.04 -6.32 19.38
C PHE A 227 35.40 -4.95 19.25
N GLN A 228 36.21 -3.96 18.90
CA GLN A 228 35.69 -2.65 18.52
C GLN A 228 35.19 -2.71 17.07
N ALA A 229 34.07 -2.06 16.79
CA ALA A 229 33.41 -2.19 15.48
C ALA A 229 34.14 -1.39 14.40
N PRO A 230 34.29 -1.94 13.21
CA PRO A 230 34.79 -1.14 12.07
C PRO A 230 33.71 -0.18 11.59
N PRO A 231 34.09 0.85 10.81
CA PRO A 231 35.44 1.07 10.26
C PRO A 231 36.44 1.67 11.28
N LEU A 232 36.05 2.41 12.32
CA LEU A 232 37.03 3.11 13.14
C LEU A 232 37.14 2.64 14.58
N GLY A 233 36.41 1.62 14.99
CA GLY A 233 36.55 1.16 16.37
C GLY A 233 36.09 2.15 17.41
N ASP A 234 35.02 2.90 17.14
CA ASP A 234 34.51 3.91 18.07
C ASP A 234 33.73 3.32 19.25
N ARG A 235 33.18 2.12 19.08
CA ARG A 235 32.30 1.50 20.07
C ARG A 235 32.47 0.00 19.98
N PRO A 236 32.03 -0.73 21.00
CA PRO A 236 31.98 -2.19 20.87
C PRO A 236 30.97 -2.61 19.78
N VAL A 237 31.21 -3.81 19.25
CA VAL A 237 30.30 -4.45 18.31
C VAL A 237 28.88 -4.45 18.89
N ASN A 238 27.90 -4.19 18.04
CA ASN A 238 26.50 -4.25 18.46
C ASN A 238 25.75 -5.15 17.47
N ILE A 239 24.42 -5.06 17.48
CA ILE A 239 23.58 -5.89 16.62
C ILE A 239 23.89 -5.68 15.14
N GLN A 240 24.44 -4.51 14.76
CA GLN A 240 24.72 -4.18 13.36
C GLN A 240 25.82 -5.06 12.76
N GLU A 241 26.90 -5.25 13.51
CA GLU A 241 27.96 -6.14 13.05
C GLU A 241 27.54 -7.59 13.20
N VAL A 242 26.83 -7.91 14.30
CA VAL A 242 26.41 -9.30 14.53
C VAL A 242 25.43 -9.75 13.47
N GLU A 243 24.56 -8.85 12.99
CA GLU A 243 23.64 -9.17 11.89
C GLU A 243 24.42 -9.55 10.65
N THR A 244 25.55 -8.87 10.39
CA THR A 244 26.37 -9.15 9.21
C THR A 244 27.14 -10.45 9.39
N ILE A 245 27.66 -10.68 10.59
CA ILE A 245 28.31 -11.94 10.90
C ILE A 245 27.32 -13.11 10.77
N LEU A 246 26.07 -12.91 11.22
CA LEU A 246 25.08 -13.99 11.11
C LEU A 246 24.83 -14.39 9.67
N CYS A 247 24.52 -13.41 8.82
CA CYS A 247 24.21 -13.70 7.42
C CYS A 247 25.42 -14.31 6.71
N LYS A 248 26.61 -13.72 6.91
CA LYS A 248 27.79 -14.21 6.20
C LYS A 248 28.19 -15.60 6.68
N TRP A 249 27.90 -15.91 7.93
CA TRP A 249 28.12 -17.25 8.45
C TRP A 249 27.16 -18.25 7.83
N LYS A 250 25.89 -17.86 7.62
CA LYS A 250 24.98 -18.77 6.94
C LYS A 250 25.46 -19.10 5.53
N SER A 251 25.98 -18.07 4.82
CA SER A 251 26.57 -18.22 3.49
C SER A 251 27.82 -19.09 3.51
N HIS A 252 28.74 -18.76 4.42
CA HIS A 252 29.91 -19.59 4.63
C HIS A 252 29.50 -21.06 4.77
N GLN A 253 28.50 -21.33 5.61
CA GLN A 253 28.06 -22.71 5.82
C GLN A 253 27.42 -23.28 4.55
N ASN A 254 26.77 -22.44 3.75
CA ASN A 254 26.16 -22.98 2.53
C ASN A 254 27.19 -23.18 1.41
N GLY A 255 28.46 -22.83 1.63
CA GLY A 255 29.48 -22.92 0.59
C GLY A 255 29.62 -21.69 -0.28
N HIS A 256 29.02 -20.57 0.09
CA HIS A 256 28.99 -19.39 -0.77
C HIS A 256 29.76 -18.22 -0.20
N TYR A 257 30.61 -18.42 0.80
CA TYR A 257 31.44 -17.35 1.34
C TYR A 257 32.69 -17.94 1.98
N PRO A 258 33.66 -18.34 1.17
CA PRO A 258 34.98 -18.64 1.73
C PRO A 258 35.62 -17.36 2.26
N LEU A 259 36.62 -17.55 3.14
CA LEU A 259 37.24 -16.41 3.81
C LEU A 259 37.76 -15.38 2.79
N PHE A 260 37.55 -14.10 3.10
CA PHE A 260 37.93 -12.94 2.29
C PHE A 260 37.06 -12.73 1.05
N LYS A 261 35.91 -13.43 0.95
CA LYS A 261 35.11 -13.37 -0.27
C LYS A 261 34.81 -11.94 -0.71
N ASP A 262 34.44 -11.08 0.24
CA ASP A 262 33.98 -9.75 -0.16
C ASP A 262 35.14 -8.89 -0.64
N ILE A 263 36.23 -8.82 0.14
CA ILE A 263 37.37 -7.99 -0.27
C ILE A 263 37.88 -8.43 -1.64
N VAL A 264 37.96 -9.74 -1.87
CA VAL A 264 38.41 -10.22 -3.18
C VAL A 264 37.47 -9.79 -4.29
N GLU A 265 36.16 -10.03 -4.12
CA GLU A 265 35.22 -9.71 -5.19
C GLU A 265 35.16 -8.20 -5.47
N ILE A 266 35.18 -7.36 -4.43
CA ILE A 266 34.97 -5.93 -4.69
C ILE A 266 36.08 -5.37 -5.56
N ARG A 267 37.34 -5.69 -5.23
CA ARG A 267 38.48 -5.13 -5.97
C ARG A 267 38.48 -5.58 -7.43
N GLU A 268 38.09 -6.83 -7.69
CA GLU A 268 38.05 -7.33 -9.07
C GLU A 268 37.00 -6.62 -9.89
N ALA A 269 35.86 -6.27 -9.28
CA ALA A 269 34.79 -5.58 -9.98
C ALA A 269 35.00 -4.07 -10.02
N ALA A 270 35.98 -3.55 -9.23
CA ALA A 270 36.26 -2.12 -9.09
C ALA A 270 37.48 -1.64 -9.85
N LEU A 271 38.45 -2.51 -10.09
CA LEU A 271 39.62 -2.17 -10.89
C LEU A 271 39.28 -1.58 -12.26
N PRO A 272 38.41 -2.17 -13.07
CA PRO A 272 38.08 -1.56 -14.35
C PRO A 272 37.67 -0.11 -14.20
N TRP A 273 36.86 0.20 -13.18
CA TRP A 273 36.33 1.56 -13.01
C TRP A 273 37.42 2.56 -12.67
N ALA A 274 38.53 2.09 -12.07
CA ALA A 274 39.59 3.00 -11.66
C ALA A 274 40.17 3.79 -12.82
N LYS A 275 39.90 3.36 -14.05
CA LYS A 275 40.49 3.92 -15.25
C LYS A 275 39.59 4.94 -15.93
N VAL A 276 38.33 5.00 -15.50
CA VAL A 276 37.34 5.89 -16.10
C VAL A 276 36.88 6.95 -15.12
N SER A 277 37.35 6.91 -13.88
CA SER A 277 36.89 7.87 -12.88
C SER A 277 37.99 8.09 -11.85
N LYS A 278 38.30 9.37 -11.57
CA LYS A 278 39.28 9.65 -10.52
C LYS A 278 38.77 9.15 -9.18
N THR A 279 37.48 9.34 -8.92
CA THR A 279 36.90 8.84 -7.68
C THR A 279 36.98 7.33 -7.61
N ALA A 280 36.76 6.64 -8.74
CA ALA A 280 36.83 5.19 -8.75
C ALA A 280 38.24 4.71 -8.42
N GLN A 281 39.26 5.46 -8.84
CA GLN A 281 40.62 5.08 -8.49
C GLN A 281 40.89 5.28 -7.01
N ALA A 282 40.38 6.38 -6.42
CA ALA A 282 40.55 6.58 -5.00
C ALA A 282 39.83 5.50 -4.19
N PHE A 283 38.64 5.10 -4.65
CA PHE A 283 37.92 3.99 -4.05
C PHE A 283 38.75 2.71 -4.07
N PHE A 284 39.35 2.38 -5.23
CA PHE A 284 40.17 1.17 -5.32
C PHE A 284 41.37 1.23 -4.36
N GLU A 285 41.99 2.40 -4.22
CA GLU A 285 43.17 2.56 -3.40
C GLU A 285 42.84 2.60 -1.90
N ALA A 286 41.63 3.04 -1.56
CA ALA A 286 41.18 3.01 -0.17
C ALA A 286 40.64 1.65 0.25
N MET A 287 40.29 0.79 -0.71
CA MET A 287 39.79 -0.54 -0.39
C MET A 287 40.82 -1.35 0.37
N PRO A 288 40.45 -1.98 1.50
CA PRO A 288 41.38 -2.84 2.24
C PRO A 288 41.83 -4.04 1.42
N GLU A 289 42.89 -4.68 1.91
CA GLU A 289 43.58 -5.73 1.18
C GLU A 289 43.44 -7.07 1.90
N VAL A 290 43.77 -8.15 1.18
CA VAL A 290 43.78 -9.47 1.81
C VAL A 290 44.87 -9.53 2.88
N THR A 291 44.66 -10.38 3.88
CA THR A 291 45.53 -10.54 5.05
C THR A 291 45.92 -9.19 5.65
N ARG D 3 -41.52 -14.33 3.29
CA ARG D 3 -42.38 -14.66 2.16
C ARG D 3 -41.56 -14.94 0.90
N ASN D 4 -42.06 -15.77 -0.03
CA ASN D 4 -41.25 -16.24 -1.17
C ASN D 4 -41.93 -15.84 -2.49
N TYR D 5 -41.60 -14.64 -2.97
CA TYR D 5 -42.27 -13.89 -4.04
C TYR D 5 -41.85 -14.32 -5.45
N GLU D 6 -42.60 -13.82 -6.43
CA GLU D 6 -42.32 -14.04 -7.85
C GLU D 6 -40.99 -13.41 -8.25
N LYS D 7 -40.13 -14.22 -8.88
CA LYS D 7 -38.85 -13.78 -9.45
C LYS D 7 -39.09 -13.24 -10.85
N LEU D 8 -38.73 -11.97 -11.07
CA LEU D 8 -38.96 -11.30 -12.34
C LEU D 8 -37.71 -11.32 -13.20
N SER D 9 -37.90 -11.17 -14.51
CA SER D 9 -36.76 -10.91 -15.37
C SER D 9 -36.14 -9.56 -15.03
N ILE D 10 -34.92 -9.35 -15.52
CA ILE D 10 -34.22 -8.08 -15.27
C ILE D 10 -34.93 -6.93 -15.96
N GLU D 11 -35.53 -7.19 -17.12
CA GLU D 11 -36.21 -6.13 -17.87
C GLU D 11 -37.43 -5.63 -17.10
N GLU D 12 -38.17 -6.53 -16.46
CA GLU D 12 -39.36 -6.15 -15.70
C GLU D 12 -39.01 -5.65 -14.29
N PHE D 13 -38.00 -6.27 -13.65
CA PHE D 13 -37.58 -5.80 -12.33
C PHE D 13 -36.93 -4.43 -12.44
N GLY D 14 -36.13 -4.21 -13.48
CA GLY D 14 -35.54 -2.89 -13.67
C GLY D 14 -36.58 -1.84 -14.00
N ALA D 15 -37.57 -2.19 -14.82
CA ALA D 15 -38.64 -1.25 -15.13
C ALA D 15 -39.36 -0.80 -13.88
N HIS D 16 -39.58 -1.74 -12.95
CA HIS D 16 -40.18 -1.39 -11.67
C HIS D 16 -39.26 -0.47 -10.89
N LEU D 17 -37.97 -0.82 -10.81
CA LEU D 17 -37.06 0.02 -10.04
C LEU D 17 -37.06 1.45 -10.56
N LEU D 18 -37.13 1.63 -11.89
CA LEU D 18 -37.11 2.97 -12.49
C LEU D 18 -38.46 3.68 -12.33
N GLY D 19 -39.56 2.96 -12.59
CA GLY D 19 -40.87 3.58 -12.51
C GLY D 19 -41.28 4.01 -11.11
N THR D 20 -40.91 3.23 -10.08
CA THR D 20 -41.28 3.53 -8.70
C THR D 20 -40.19 4.30 -7.96
N VAL D 21 -39.13 4.72 -8.64
CA VAL D 21 -37.94 5.35 -8.06
C VAL D 21 -37.40 4.53 -6.89
N ASP D 22 -37.67 3.21 -6.90
CA ASP D 22 -37.06 2.32 -5.92
C ASP D 22 -35.61 1.97 -6.27
N LEU D 23 -35.13 2.46 -7.41
CA LEU D 23 -33.75 2.24 -7.80
C LEU D 23 -32.79 2.81 -6.77
N ASP D 24 -32.85 4.11 -6.55
CA ASP D 24 -32.01 4.79 -5.58
C ASP D 24 -32.80 5.94 -4.95
N PRO D 25 -33.70 5.65 -4.01
CA PRO D 25 -34.57 6.70 -3.48
C PRO D 25 -33.83 7.76 -2.66
N ILE D 26 -32.69 7.43 -2.05
CA ILE D 26 -31.96 8.41 -1.27
C ILE D 26 -31.62 9.62 -2.13
N TYR D 27 -31.32 9.39 -3.42
CA TYR D 27 -30.92 10.47 -4.32
C TYR D 27 -32.05 11.47 -4.50
N LEU D 28 -33.28 10.98 -4.64
CA LEU D 28 -34.43 11.86 -4.77
C LEU D 28 -34.62 12.68 -3.51
N ALA D 29 -34.66 12.00 -2.36
CA ALA D 29 -34.83 12.68 -1.07
C ALA D 29 -33.79 13.76 -0.89
N LEU D 30 -32.53 13.44 -1.21
CA LEU D 30 -31.45 14.39 -1.05
C LEU D 30 -31.67 15.61 -1.94
N ARG D 31 -32.06 15.37 -3.20
CA ARG D 31 -32.32 16.48 -4.10
C ARG D 31 -33.46 17.34 -3.60
N ARG D 32 -34.48 16.72 -3.00
CA ARG D 32 -35.61 17.46 -2.48
C ARG D 32 -35.23 18.31 -1.27
N MET D 33 -34.32 17.83 -0.42
CA MET D 33 -33.97 18.58 0.77
C MET D 33 -33.26 19.88 0.46
N GLU D 34 -32.52 19.94 -0.66
CA GLU D 34 -31.77 21.15 -1.03
C GLU D 34 -30.95 21.68 0.14
N LEU D 35 -30.18 20.78 0.77
CA LEU D 35 -29.38 21.17 1.91
C LEU D 35 -28.29 22.13 1.46
N PRO D 36 -27.85 23.03 2.35
CA PRO D 36 -26.69 23.88 2.01
C PRO D 36 -25.41 23.05 1.87
N GLU D 37 -24.49 23.57 1.06
CA GLU D 37 -23.31 22.82 0.64
C GLU D 37 -22.59 22.17 1.80
N ALA D 38 -22.15 22.96 2.78
CA ALA D 38 -21.35 22.38 3.85
C ALA D 38 -22.13 21.30 4.60
N GLN D 39 -23.43 21.51 4.81
CA GLN D 39 -24.24 20.50 5.47
C GLN D 39 -24.40 19.26 4.60
N LEU D 40 -24.66 19.45 3.31
CA LEU D 40 -24.78 18.33 2.39
C LEU D 40 -23.51 17.48 2.40
N ASN D 41 -22.34 18.11 2.42
CA ASN D 41 -21.10 17.33 2.45
C ASN D 41 -20.94 16.58 3.76
N ARG D 42 -21.36 17.17 4.87
CA ARG D 42 -21.29 16.44 6.14
C ARG D 42 -22.29 15.28 6.15
N TRP D 43 -23.50 15.54 5.64
CA TRP D 43 -24.52 14.50 5.53
C TRP D 43 -23.98 13.32 4.76
N LEU D 44 -23.28 13.59 3.64
CA LEU D 44 -22.77 12.57 2.75
C LEU D 44 -21.65 11.76 3.40
N LEU D 45 -20.67 12.45 3.99
CA LEU D 45 -19.60 11.70 4.65
C LEU D 45 -20.15 10.81 5.75
N ALA D 46 -21.14 11.30 6.50
CA ALA D 46 -21.75 10.46 7.52
C ALA D 46 -22.44 9.27 6.88
N TYR D 47 -23.20 9.53 5.81
CA TYR D 47 -23.94 8.48 5.12
C TYR D 47 -23.00 7.41 4.56
N TRP D 48 -21.84 7.81 4.00
CA TRP D 48 -20.87 6.87 3.45
C TRP D 48 -20.16 6.08 4.54
N CYS D 49 -20.30 6.48 5.80
CA CYS D 49 -19.70 5.73 6.89
C CYS D 49 -20.67 4.76 7.53
N LEU D 50 -21.93 5.15 7.64
CA LEU D 50 -22.95 4.42 8.37
C LEU D 50 -24.09 3.95 7.50
N TYR D 51 -24.21 4.52 6.31
CA TYR D 51 -25.23 4.14 5.33
C TYR D 51 -26.61 4.07 5.97
N ASN D 52 -26.98 5.15 6.68
CA ASN D 52 -28.28 5.29 7.33
C ASN D 52 -28.73 6.76 7.25
N GLY D 53 -29.79 7.02 6.47
CA GLY D 53 -30.18 8.38 6.12
C GLY D 53 -30.58 9.26 7.29
N GLY D 54 -31.39 8.72 8.21
CA GLY D 54 -31.79 9.48 9.39
C GLY D 54 -30.63 9.86 10.28
N GLU D 55 -29.71 8.93 10.51
CA GLU D 55 -28.53 9.18 11.33
C GLU D 55 -27.61 10.20 10.65
N ALA D 56 -27.44 10.08 9.34
CA ALA D 56 -26.63 11.07 8.63
C ALA D 56 -27.26 12.46 8.76
N SER D 57 -28.59 12.53 8.73
CA SER D 57 -29.30 13.79 8.92
C SER D 57 -29.02 14.37 10.31
N TYR D 58 -29.15 13.55 11.34
CA TYR D 58 -28.80 14.00 12.68
C TYR D 58 -27.37 14.50 12.72
N LEU D 59 -26.44 13.71 12.18
CA LEU D 59 -25.05 14.12 12.26
C LEU D 59 -24.74 15.33 11.38
N SER D 60 -25.49 15.54 10.31
CA SER D 60 -25.19 16.64 9.39
C SER D 60 -25.39 18.01 10.01
N GLU D 61 -26.10 18.07 11.15
CA GLU D 61 -26.37 19.29 11.90
C GLU D 61 -25.22 19.72 12.82
N PHE D 62 -24.34 18.80 13.19
CA PHE D 62 -23.14 19.18 13.93
C PHE D 62 -22.06 19.62 12.95
N GLU D 63 -21.21 20.55 13.38
CA GLU D 63 -20.23 21.16 12.50
C GLU D 63 -18.82 20.99 13.08
N GLY D 64 -17.83 21.15 12.21
CA GLY D 64 -16.44 21.23 12.64
C GLY D 64 -15.97 20.01 13.41
N ARG D 65 -15.19 20.24 14.47
CA ARG D 65 -14.72 19.13 15.30
C ARG D 65 -15.85 18.47 16.08
N GLU D 66 -16.95 19.18 16.30
CA GLU D 66 -18.12 18.58 16.93
C GLU D 66 -18.77 17.54 16.04
N PHE D 67 -18.65 17.68 14.72
CA PHE D 67 -19.09 16.63 13.81
C PHE D 67 -18.24 15.37 13.96
N PHE D 68 -16.92 15.52 13.95
CA PHE D 68 -16.09 14.33 14.08
C PHE D 68 -16.21 13.71 15.46
N GLU D 69 -16.42 14.52 16.51
CA GLU D 69 -16.60 13.97 17.85
C GLU D 69 -17.85 13.09 17.91
N MET D 70 -18.96 13.57 17.32
CA MET D 70 -20.20 12.80 17.25
C MET D 70 -20.08 11.59 16.33
N LEU D 71 -19.22 11.68 15.30
CA LEU D 71 -18.97 10.54 14.44
C LEU D 71 -18.13 9.51 15.15
N ASN D 72 -17.15 9.95 15.96
CA ASN D 72 -16.39 8.97 16.73
C ASN D 72 -17.27 8.28 17.78
N HIS D 73 -18.32 8.94 18.25
CA HIS D 73 -19.23 8.28 19.19
C HIS D 73 -20.03 7.20 18.49
N ALA D 74 -20.51 7.49 17.27
CA ALA D 74 -21.20 6.48 16.48
C ALA D 74 -20.25 5.35 16.11
N ALA D 75 -18.97 5.67 15.89
CA ALA D 75 -17.98 4.65 15.57
C ALA D 75 -17.72 3.73 16.76
N GLU D 76 -17.70 4.29 17.98
CA GLU D 76 -17.44 3.48 19.17
C GLU D 76 -18.70 2.74 19.64
N ASN D 77 -19.88 3.30 19.40
CA ASN D 77 -21.14 2.63 19.64
C ASN D 77 -21.25 2.08 21.06
N VAL D 78 -20.73 2.85 22.01
CA VAL D 78 -20.82 2.54 23.43
C VAL D 78 -21.85 3.42 24.12
N ARG D 79 -21.78 4.73 23.86
CA ARG D 79 -22.84 5.62 24.31
C ARG D 79 -24.10 5.37 23.51
N GLU D 80 -25.24 5.46 24.18
CA GLU D 80 -26.50 5.29 23.51
C GLU D 80 -26.69 6.35 22.43
N ALA D 81 -27.68 6.14 21.58
CA ALA D 81 -28.00 6.92 20.41
C ALA D 81 -29.22 7.78 20.67
N PRO D 82 -29.32 8.95 20.04
CA PRO D 82 -30.45 9.86 20.33
C PRO D 82 -31.82 9.24 20.04
N ILE D 83 -31.87 8.16 19.25
CA ILE D 83 -33.13 7.42 19.07
C ILE D 83 -33.31 6.32 20.12
N GLY D 84 -32.31 6.11 20.97
CA GLY D 84 -32.34 5.00 21.92
C GLY D 84 -31.78 3.74 21.30
N GLY D 85 -30.96 3.01 22.04
CA GLY D 85 -30.31 1.81 21.54
C GLY D 85 -28.89 2.10 21.11
N ARG D 86 -28.36 1.22 20.26
CA ARG D 86 -27.02 1.45 19.73
C ARG D 86 -27.12 2.28 18.44
N TRP D 87 -25.96 2.80 18.00
CA TRP D 87 -25.87 3.60 16.78
C TRP D 87 -25.98 2.71 15.53
N PRO D 88 -27.05 2.83 14.77
CA PRO D 88 -27.32 1.88 13.69
C PRO D 88 -26.41 2.05 12.49
N ARG D 89 -26.23 0.96 11.76
CA ARG D 89 -25.49 0.90 10.50
C ARG D 89 -26.41 0.40 9.40
N GLY D 90 -26.21 0.91 8.20
CA GLY D 90 -26.79 0.27 7.04
C GLY D 90 -26.16 -1.09 6.78
N ALA D 91 -26.93 -1.99 6.18
CA ALA D 91 -26.44 -3.35 5.96
C ALA D 91 -25.13 -3.36 5.19
N GLU D 92 -25.03 -2.53 4.14
CA GLU D 92 -23.80 -2.42 3.36
C GLU D 92 -22.63 -1.88 4.20
N ARG D 93 -22.89 -1.23 5.34
CA ARG D 93 -21.85 -0.78 6.24
C ARG D 93 -21.82 -1.57 7.55
N ARG D 94 -22.41 -2.77 7.57
CA ARG D 94 -22.46 -3.59 8.77
C ARG D 94 -21.09 -3.79 9.40
N HIS D 95 -20.03 -3.76 8.61
CA HIS D 95 -18.71 -4.03 9.15
C HIS D 95 -17.96 -2.77 9.61
N TRP D 96 -18.57 -1.60 9.52
CA TRP D 96 -17.94 -0.35 9.96
C TRP D 96 -18.10 -0.22 11.49
N ARG D 97 -17.28 -0.98 12.23
CA ARG D 97 -17.37 -1.07 13.69
C ARG D 97 -15.97 -1.29 14.27
N GLY D 98 -15.87 -1.21 15.59
CA GLY D 98 -14.66 -1.53 16.32
C GLY D 98 -13.50 -0.69 15.83
N ALA D 99 -12.30 -1.27 15.91
CA ALA D 99 -11.12 -0.53 15.51
C ALA D 99 -11.20 -0.11 14.05
N GLN D 100 -11.94 -0.84 13.22
CA GLN D 100 -12.03 -0.41 11.82
C GLN D 100 -12.77 0.91 11.70
N ALA D 101 -13.87 1.07 12.45
CA ALA D 101 -14.59 2.33 12.43
C ALA D 101 -13.79 3.45 13.07
N THR D 102 -13.14 3.18 14.21
CA THR D 102 -12.44 4.27 14.90
C THR D 102 -11.19 4.71 14.16
N SER D 103 -10.36 3.77 13.70
CA SER D 103 -9.23 4.15 12.86
C SER D 103 -9.68 4.94 11.63
N SER D 104 -10.86 4.59 11.09
CA SER D 104 -11.42 5.32 9.98
C SER D 104 -11.65 6.79 10.35
N VAL D 105 -12.22 7.02 11.54
CA VAL D 105 -12.53 8.38 11.97
C VAL D 105 -11.24 9.13 12.31
N GLU D 106 -10.28 8.46 12.99
CA GLU D 106 -8.98 9.11 13.22
C GLU D 106 -8.33 9.49 11.89
N TYR D 107 -8.46 8.65 10.87
CA TYR D 107 -7.89 9.05 9.58
C TYR D 107 -8.52 10.34 9.08
N LEU D 108 -9.85 10.45 9.18
CA LEU D 108 -10.53 11.63 8.68
C LEU D 108 -10.22 12.86 9.54
N ILE D 109 -10.20 12.68 10.87
CA ILE D 109 -9.85 13.77 11.76
C ILE D 109 -8.43 14.25 11.49
N ASP D 110 -7.50 13.32 11.29
CA ASP D 110 -6.13 13.72 10.98
C ASP D 110 -6.06 14.49 9.68
N ARG D 111 -6.96 14.21 8.74
CA ARG D 111 -6.82 14.79 7.43
C ARG D 111 -7.66 16.04 7.23
N TYR D 112 -8.82 16.12 7.86
CA TYR D 112 -9.73 17.21 7.63
C TYR D 112 -9.88 18.12 8.83
N ASP D 113 -9.36 17.70 9.99
CA ASP D 113 -9.32 18.51 11.20
C ASP D 113 -10.70 19.08 11.50
N ASP D 114 -10.90 20.39 11.32
CA ASP D 114 -12.15 21.03 11.68
C ASP D 114 -13.05 21.25 10.47
N ARG D 115 -12.68 20.71 9.31
CA ARG D 115 -13.42 20.87 8.05
C ARG D 115 -13.90 19.51 7.50
N PRO D 116 -14.87 18.88 8.15
CA PRO D 116 -15.36 17.61 7.60
C PRO D 116 -16.01 17.79 6.24
N GLU D 117 -16.52 18.99 5.94
CA GLU D 117 -17.17 19.25 4.67
C GLU D 117 -16.23 19.05 3.50
N ASP D 118 -14.93 19.03 3.76
CA ASP D 118 -13.95 18.96 2.68
C ASP D 118 -13.81 17.58 2.07
N MET D 119 -14.20 16.51 2.78
CA MET D 119 -14.03 15.16 2.25
C MET D 119 -14.87 14.97 0.99
N ALA D 120 -16.18 15.13 1.10
CA ALA D 120 -17.01 15.01 -0.09
C ALA D 120 -16.60 16.04 -1.16
N ALA D 121 -16.18 17.24 -0.74
CA ALA D 121 -15.77 18.25 -1.71
C ALA D 121 -14.54 17.80 -2.47
N TYR D 122 -13.58 17.20 -1.77
CA TYR D 122 -12.42 16.60 -2.43
C TYR D 122 -12.82 15.40 -3.31
N CYS D 123 -13.63 14.48 -2.79
CA CYS D 123 -14.06 13.37 -3.65
C CYS D 123 -14.80 13.90 -4.88
N ALA D 124 -15.69 14.90 -4.69
CA ALA D 124 -16.44 15.43 -5.82
C ALA D 124 -15.53 16.18 -6.80
N GLY D 125 -14.53 16.90 -6.27
CA GLY D 125 -13.74 17.75 -7.15
C GLY D 125 -14.65 18.57 -8.05
N GLN D 126 -14.27 18.68 -9.32
CA GLN D 126 -15.19 19.19 -10.31
C GLN D 126 -15.71 18.04 -11.18
N GLY D 127 -15.71 16.83 -10.61
CA GLY D 127 -16.13 15.65 -11.33
C GLY D 127 -14.88 14.95 -11.80
N GLY D 128 -14.94 14.46 -13.03
CA GLY D 128 -13.87 13.71 -13.66
C GLY D 128 -14.35 12.34 -14.10
N THR D 129 -13.42 11.45 -14.38
CA THR D 129 -13.76 10.08 -14.77
C THR D 129 -14.07 9.29 -13.52
N PHE D 130 -14.90 8.24 -13.69
CA PHE D 130 -15.18 7.29 -12.62
C PHE D 130 -13.91 6.85 -11.91
N LEU D 131 -12.88 6.47 -12.67
CA LEU D 131 -11.64 5.99 -12.07
C LEU D 131 -11.00 7.05 -11.18
N GLU D 132 -10.97 8.30 -11.66
CA GLU D 132 -10.36 9.36 -10.86
C GLU D 132 -11.15 9.59 -9.58
N VAL D 133 -12.49 9.64 -9.70
CA VAL D 133 -13.33 9.85 -8.52
C VAL D 133 -13.19 8.68 -7.54
N THR D 134 -13.24 7.44 -8.04
CA THR D 134 -13.17 6.33 -7.10
C THR D 134 -11.79 6.22 -6.44
N LYS D 135 -10.73 6.57 -7.14
CA LYS D 135 -9.41 6.52 -6.51
C LYS D 135 -9.29 7.56 -5.42
N ARG D 136 -9.92 8.73 -5.60
CA ARG D 136 -9.93 9.74 -4.54
C ARG D 136 -10.69 9.23 -3.31
N VAL D 137 -11.86 8.62 -3.53
CA VAL D 137 -12.60 8.03 -2.41
C VAL D 137 -11.76 6.96 -1.73
N GLN D 138 -11.08 6.15 -2.51
CA GLN D 138 -10.41 5.02 -1.90
C GLN D 138 -9.11 5.39 -1.20
N GLU D 139 -8.77 6.68 -1.14
CA GLU D 139 -7.63 7.08 -0.32
C GLU D 139 -7.94 6.91 1.17
N HIS D 140 -9.19 7.08 1.56
CA HIS D 140 -9.52 7.16 2.98
C HIS D 140 -9.62 5.78 3.60
N ARG D 141 -9.10 5.66 4.81
CA ARG D 141 -9.15 4.38 5.48
C ARG D 141 -10.58 3.86 5.63
N LEU D 142 -10.75 2.54 5.42
CA LEU D 142 -12.05 1.84 5.46
C LEU D 142 -12.99 2.29 4.35
N PHE D 143 -12.44 2.82 3.25
CA PHE D 143 -13.21 3.16 2.05
C PHE D 143 -12.61 2.37 0.89
N GLY D 144 -13.40 1.45 0.33
CA GLY D 144 -12.91 0.61 -0.71
C GLY D 144 -13.72 0.70 -1.99
N PRO D 145 -13.63 -0.36 -2.79
CA PRO D 145 -14.22 -0.33 -4.14
C PRO D 145 -15.73 -0.14 -4.20
N TRP D 146 -16.51 -0.74 -3.29
CA TRP D 146 -17.96 -0.50 -3.33
C TRP D 146 -18.29 0.98 -3.12
N ILE D 147 -17.81 1.56 -2.03
CA ILE D 147 -18.19 2.93 -1.71
C ILE D 147 -17.65 3.91 -2.76
N GLY D 148 -16.47 3.62 -3.33
CA GLY D 148 -15.93 4.48 -4.38
C GLY D 148 -16.88 4.61 -5.55
N PHE D 149 -17.43 3.49 -5.99
CA PHE D 149 -18.41 3.51 -7.07
C PHE D 149 -19.69 4.24 -6.64
N LYS D 150 -20.16 3.97 -5.42
CA LYS D 150 -21.35 4.62 -4.92
C LYS D 150 -21.15 6.13 -4.89
N VAL D 151 -20.02 6.57 -4.33
CA VAL D 151 -19.73 8.00 -4.25
C VAL D 151 -19.74 8.62 -5.64
N ALA D 152 -19.05 7.98 -6.59
CA ALA D 152 -19.04 8.51 -7.95
C ALA D 152 -20.44 8.64 -8.49
N ASP D 153 -21.32 7.66 -8.21
CA ASP D 153 -22.70 7.78 -8.63
C ASP D 153 -23.37 9.02 -8.00
N MET D 154 -23.10 9.25 -6.71
CA MET D 154 -23.77 10.31 -5.98
C MET D 154 -23.19 11.67 -6.33
N VAL D 155 -21.90 11.70 -6.71
CA VAL D 155 -21.24 12.92 -7.14
C VAL D 155 -21.92 13.46 -8.39
N ASP D 156 -22.43 12.57 -9.23
CA ASP D 156 -23.14 12.91 -10.45
C ASP D 156 -24.63 13.10 -10.17
N ARG D 157 -25.28 12.13 -9.53
CA ARG D 157 -26.73 12.16 -9.34
C ARG D 157 -27.17 13.15 -8.26
N VAL D 158 -26.36 13.37 -7.23
CA VAL D 158 -26.74 14.23 -6.13
C VAL D 158 -26.05 15.59 -6.22
N LEU D 159 -24.73 15.60 -6.44
CA LEU D 159 -23.93 16.82 -6.47
C LEU D 159 -23.92 17.50 -7.83
N GLY D 160 -24.32 16.80 -8.89
CA GLY D 160 -24.41 17.45 -10.18
C GLY D 160 -23.08 17.75 -10.81
N LYS D 161 -21.98 17.22 -10.26
CA LYS D 161 -20.71 17.34 -10.94
C LYS D 161 -20.67 16.33 -12.08
N PRO D 162 -19.91 16.62 -13.15
CA PRO D 162 -19.84 15.71 -14.30
C PRO D 162 -18.89 14.56 -14.03
N VAL D 163 -19.44 13.35 -13.92
CA VAL D 163 -18.63 12.17 -13.70
C VAL D 163 -18.87 11.26 -14.89
N SER D 164 -17.81 11.02 -15.66
CA SER D 164 -17.87 10.13 -16.82
C SER D 164 -17.71 8.69 -16.37
N PHE D 165 -18.71 7.86 -16.68
CA PHE D 165 -18.71 6.44 -16.33
C PHE D 165 -18.46 5.54 -17.53
N ASP D 166 -17.97 6.10 -18.63
CA ASP D 166 -17.83 5.33 -19.86
C ASP D 166 -16.89 4.15 -19.66
N ASN D 167 -17.36 2.97 -20.07
CA ASN D 167 -16.60 1.73 -19.92
C ASN D 167 -16.30 1.37 -18.46
N ALA D 168 -17.17 1.80 -17.52
CA ALA D 168 -16.95 1.37 -16.13
C ALA D 168 -17.44 -0.04 -15.86
N ALA D 169 -18.19 -0.64 -16.79
CA ALA D 169 -18.80 -1.94 -16.52
C ALA D 169 -17.78 -2.96 -16.04
N VAL D 170 -16.57 -2.96 -16.62
CA VAL D 170 -15.55 -3.93 -16.23
C VAL D 170 -14.95 -3.63 -14.86
N PHE D 171 -15.30 -2.49 -14.26
CA PHE D 171 -14.83 -2.11 -12.95
C PHE D 171 -15.91 -2.23 -11.88
N MET D 172 -17.08 -2.76 -12.23
CA MET D 172 -18.15 -2.86 -11.25
C MET D 172 -17.72 -3.72 -10.08
N PHE D 173 -18.33 -3.44 -8.92
CA PHE D 173 -18.04 -4.19 -7.72
C PHE D 173 -18.46 -5.65 -7.91
N LYS D 174 -17.87 -6.56 -7.11
CA LYS D 174 -18.05 -7.99 -7.35
C LYS D 174 -19.51 -8.37 -7.61
N ASP D 175 -20.44 -7.88 -6.78
CA ASP D 175 -21.82 -8.35 -6.93
C ASP D 175 -22.46 -7.90 -8.24
N PRO D 176 -22.45 -6.59 -8.62
CA PRO D 176 -23.03 -6.27 -9.93
C PRO D 176 -22.32 -6.98 -11.07
N TYR D 177 -21.01 -7.21 -10.92
CA TYR D 177 -20.23 -7.90 -11.93
C TYR D 177 -20.63 -9.38 -12.03
N LYS D 178 -20.72 -10.07 -10.89
CA LYS D 178 -21.23 -11.44 -10.89
C LYS D 178 -22.64 -11.48 -11.45
N ALA D 179 -23.44 -10.47 -11.15
CA ALA D 179 -24.79 -10.36 -11.70
C ALA D 179 -24.76 -10.25 -13.23
N ALA D 180 -23.78 -9.52 -13.79
CA ALA D 180 -23.61 -9.47 -15.24
C ALA D 180 -23.21 -10.83 -15.80
N CYS D 181 -22.41 -11.60 -15.06
CA CYS D 181 -22.02 -12.95 -15.50
C CYS D 181 -23.22 -13.88 -15.55
N ILE D 182 -24.04 -13.86 -14.49
CA ILE D 182 -25.24 -14.69 -14.45
C ILE D 182 -26.16 -14.33 -15.61
N GLN D 183 -26.33 -13.02 -15.86
CA GLN D 183 -27.23 -12.54 -16.91
C GLN D 183 -26.85 -13.04 -18.31
N TYR D 184 -25.54 -13.03 -18.65
CA TYR D 184 -25.14 -13.54 -19.94
C TYR D 184 -25.53 -14.99 -20.10
N GLU D 185 -25.47 -15.76 -19.00
CA GLU D 185 -25.82 -17.18 -19.04
C GLU D 185 -27.32 -17.38 -19.23
N VAL D 186 -28.14 -16.66 -18.45
CA VAL D 186 -29.55 -17.01 -18.25
C VAL D 186 -30.54 -16.16 -19.04
N ASN D 187 -30.15 -14.97 -19.50
CA ASN D 187 -31.09 -14.05 -20.13
C ASN D 187 -31.04 -14.24 -21.65
N PRO D 188 -32.05 -14.85 -22.27
CA PRO D 188 -31.97 -15.07 -23.72
C PRO D 188 -32.07 -13.79 -24.54
N ASN D 189 -32.60 -12.69 -23.97
CA ASN D 189 -32.68 -11.42 -24.71
C ASN D 189 -31.31 -10.80 -24.93
N ILE D 190 -30.31 -11.15 -24.13
CA ILE D 190 -28.95 -10.67 -24.36
C ILE D 190 -28.43 -11.43 -25.57
N PRO D 191 -28.06 -10.75 -26.65
CA PRO D 191 -27.58 -11.47 -27.83
C PRO D 191 -26.26 -12.18 -27.54
N ASP D 192 -25.95 -13.15 -28.39
CA ASP D 192 -24.66 -13.83 -28.30
C ASP D 192 -23.54 -12.81 -28.42
N HIS D 193 -22.48 -13.01 -27.65
CA HIS D 193 -21.34 -12.11 -27.72
C HIS D 193 -20.35 -12.72 -28.70
N VAL D 194 -20.33 -12.18 -29.92
CA VAL D 194 -19.46 -12.68 -30.97
C VAL D 194 -18.07 -12.10 -30.77
N LEU D 195 -17.12 -12.95 -30.43
CA LEU D 195 -15.75 -12.56 -30.19
C LEU D 195 -15.07 -12.17 -31.50
N ALA D 196 -13.90 -11.52 -31.38
CA ALA D 196 -13.16 -11.10 -32.56
C ALA D 196 -12.80 -12.29 -33.46
N ASP D 197 -12.54 -13.46 -32.88
CA ASP D 197 -12.25 -14.61 -33.73
C ASP D 197 -13.49 -15.21 -34.40
N GLY D 198 -14.67 -14.58 -34.28
CA GLY D 198 -15.89 -15.10 -34.84
C GLY D 198 -16.61 -16.12 -33.98
N SER D 199 -16.00 -16.61 -32.90
CA SER D 199 -16.64 -17.57 -31.99
C SER D 199 -17.51 -16.84 -30.95
N VAL D 200 -18.47 -17.58 -30.42
CA VAL D 200 -19.42 -17.07 -29.44
C VAL D 200 -18.91 -17.36 -28.04
N ALA D 201 -18.99 -16.36 -27.15
CA ALA D 201 -18.59 -16.51 -25.76
C ALA D 201 -19.51 -17.51 -25.07
N PRO D 202 -19.00 -18.46 -24.29
CA PRO D 202 -19.89 -19.50 -23.75
C PRO D 202 -20.83 -18.94 -22.69
N ARG D 203 -22.09 -19.32 -22.81
CA ARG D 203 -23.15 -18.92 -21.91
C ARG D 203 -23.00 -19.69 -20.59
N ASN D 204 -21.94 -19.36 -19.86
CA ASN D 204 -21.60 -20.05 -18.62
C ASN D 204 -21.06 -18.99 -17.68
N ARG D 205 -21.79 -18.74 -16.58
CA ARG D 205 -21.46 -17.66 -15.65
C ARG D 205 -20.05 -17.79 -15.10
N GLU D 206 -19.47 -19.00 -15.11
CA GLU D 206 -18.15 -19.23 -14.53
C GLU D 206 -17.02 -18.91 -15.50
N LEU D 207 -17.32 -18.60 -16.77
CA LEU D 207 -16.35 -18.25 -17.80
C LEU D 207 -16.70 -16.93 -18.49
N VAL D 208 -17.33 -15.99 -17.77
CA VAL D 208 -17.70 -14.71 -18.37
C VAL D 208 -16.54 -13.74 -18.14
N THR D 209 -16.03 -13.17 -19.22
CA THR D 209 -14.84 -12.34 -19.11
C THR D 209 -15.23 -10.89 -19.00
N PRO D 210 -14.29 -10.03 -18.65
CA PRO D 210 -14.62 -8.58 -18.61
C PRO D 210 -15.31 -8.08 -19.88
N GLU D 211 -14.84 -8.49 -21.05
CA GLU D 211 -15.43 -8.00 -22.30
C GLU D 211 -16.87 -8.48 -22.49
N THR D 212 -17.22 -9.67 -22.01
CA THR D 212 -18.62 -10.09 -22.08
C THR D 212 -19.49 -9.36 -21.06
N VAL D 213 -18.96 -9.04 -19.88
CA VAL D 213 -19.71 -8.22 -18.94
C VAL D 213 -20.04 -6.87 -19.59
N HIS D 214 -19.06 -6.32 -20.31
CA HIS D 214 -19.27 -5.06 -21.01
C HIS D 214 -20.36 -5.22 -22.07
N HIS D 215 -20.32 -6.31 -22.82
CA HIS D 215 -21.39 -6.61 -23.78
C HIS D 215 -22.73 -6.68 -23.07
N VAL D 216 -22.78 -7.31 -21.88
CA VAL D 216 -24.03 -7.40 -21.11
C VAL D 216 -24.54 -6.01 -20.72
N ALA D 217 -23.69 -5.23 -20.04
CA ALA D 217 -24.12 -3.91 -19.58
C ALA D 217 -24.58 -3.06 -20.75
N GLN D 218 -23.86 -3.12 -21.86
CA GLN D 218 -24.18 -2.32 -23.03
C GLN D 218 -25.53 -2.70 -23.62
N HIS D 219 -25.90 -3.97 -23.53
CA HIS D 219 -27.21 -4.37 -24.04
C HIS D 219 -28.33 -3.91 -23.11
N LEU D 220 -28.06 -3.89 -21.80
CA LEU D 220 -29.08 -3.48 -20.84
C LEU D 220 -29.31 -1.99 -20.90
N ILE D 221 -28.21 -1.21 -21.04
CA ILE D 221 -28.32 0.23 -21.19
C ILE D 221 -29.21 0.53 -22.39
N GLU D 222 -28.93 -0.12 -23.52
CA GLU D 222 -29.76 0.09 -24.70
C GLU D 222 -31.20 -0.34 -24.40
N HIS D 223 -31.36 -1.42 -23.64
CA HIS D 223 -32.71 -1.90 -23.34
C HIS D 223 -33.53 -0.85 -22.63
N PHE D 224 -32.96 -0.21 -21.61
CA PHE D 224 -33.65 0.77 -20.77
C PHE D 224 -33.52 2.19 -21.31
N LYS D 225 -33.07 2.36 -22.56
CA LYS D 225 -32.79 3.70 -23.08
C LYS D 225 -34.03 4.59 -23.13
N GLY D 226 -35.23 4.00 -23.09
CA GLY D 226 -36.47 4.73 -22.99
C GLY D 226 -36.80 5.27 -21.62
N PHE D 227 -35.96 5.00 -20.62
CA PHE D 227 -36.13 5.52 -19.27
C PHE D 227 -35.13 6.65 -19.04
N GLN D 228 -35.61 7.79 -18.57
CA GLN D 228 -34.71 8.83 -18.13
C GLN D 228 -34.24 8.49 -16.72
N ALA D 229 -32.98 8.76 -16.45
CA ALA D 229 -32.41 8.30 -15.19
C ALA D 229 -32.94 9.15 -14.03
N PRO D 230 -33.34 8.54 -12.91
CA PRO D 230 -33.65 9.32 -11.71
C PRO D 230 -32.37 9.84 -11.09
N PRO D 231 -32.44 10.82 -10.18
CA PRO D 231 -33.64 11.42 -9.56
C PRO D 231 -34.34 12.46 -10.44
N LEU D 232 -33.70 13.13 -11.40
CA LEU D 232 -34.36 14.22 -12.11
C LEU D 232 -34.69 13.89 -13.56
N GLY D 233 -34.31 12.73 -14.08
CA GLY D 233 -34.65 12.44 -15.45
C GLY D 233 -33.96 13.32 -16.47
N ASP D 234 -32.71 13.70 -16.21
CA ASP D 234 -31.91 14.58 -17.07
C ASP D 234 -31.30 13.88 -18.27
N ARG D 235 -31.13 12.57 -18.23
CA ARG D 235 -30.47 11.82 -19.30
C ARG D 235 -31.06 10.42 -19.31
N PRO D 236 -30.87 9.68 -20.40
CA PRO D 236 -31.21 8.25 -20.38
C PRO D 236 -30.36 7.48 -19.37
N VAL D 237 -30.88 6.32 -19.00
CA VAL D 237 -30.14 5.37 -18.17
C VAL D 237 -28.77 5.11 -18.77
N ASN D 238 -27.76 4.98 -17.90
CA ASN D 238 -26.43 4.59 -18.33
C ASN D 238 -25.96 3.45 -17.42
N ILE D 239 -24.65 3.18 -17.44
CA ILE D 239 -24.07 2.11 -16.64
C ILE D 239 -24.35 2.30 -15.15
N GLN D 240 -24.55 3.55 -14.71
CA GLN D 240 -24.76 3.83 -13.28
C GLN D 240 -26.08 3.25 -12.79
N GLU D 241 -27.14 3.39 -13.57
CA GLU D 241 -28.40 2.76 -13.19
C GLU D 241 -28.37 1.25 -13.47
N VAL D 242 -27.75 0.85 -14.58
CA VAL D 242 -27.68 -0.57 -14.93
C VAL D 242 -26.86 -1.33 -13.89
N GLU D 243 -25.84 -0.70 -13.33
CA GLU D 243 -25.07 -1.37 -12.29
C GLU D 243 -25.97 -1.71 -11.11
N THR D 244 -26.90 -0.80 -10.80
CA THR D 244 -27.82 -0.98 -9.68
C THR D 244 -28.92 -1.99 -10.01
N ILE D 245 -29.46 -1.92 -11.22
CA ILE D 245 -30.43 -2.91 -11.66
C ILE D 245 -29.80 -4.30 -11.67
N LEU D 246 -28.55 -4.39 -12.12
CA LEU D 246 -27.87 -5.68 -12.12
C LEU D 246 -27.76 -6.24 -10.71
N CYS D 247 -27.26 -5.42 -9.77
CA CYS D 247 -27.05 -5.91 -8.42
C CYS D 247 -28.36 -6.28 -7.73
N LYS D 248 -29.38 -5.41 -7.82
CA LYS D 248 -30.62 -5.66 -7.09
C LYS D 248 -31.38 -6.85 -7.69
N TRP D 249 -31.19 -7.08 -8.99
CA TRP D 249 -31.79 -8.22 -9.64
C TRP D 249 -31.21 -9.53 -9.11
N LYS D 250 -29.89 -9.60 -8.89
CA LYS D 250 -29.30 -10.79 -8.30
C LYS D 250 -29.85 -11.04 -6.89
N SER D 251 -30.00 -9.97 -6.10
CA SER D 251 -30.61 -10.12 -4.77
C SER D 251 -32.05 -10.58 -4.89
N HIS D 252 -32.80 -9.91 -5.76
CA HIS D 252 -34.18 -10.28 -6.05
C HIS D 252 -34.29 -11.78 -6.35
N GLN D 253 -33.44 -12.28 -7.24
CA GLN D 253 -33.48 -13.69 -7.60
C GLN D 253 -33.10 -14.59 -6.44
N ASN D 254 -32.25 -14.13 -5.54
CA ASN D 254 -31.81 -14.91 -4.39
C ASN D 254 -32.79 -14.90 -3.22
N GLY D 255 -33.94 -14.24 -3.37
CA GLY D 255 -34.87 -14.08 -2.28
C GLY D 255 -34.59 -12.91 -1.36
N HIS D 256 -33.63 -12.02 -1.68
CA HIS D 256 -33.20 -11.02 -0.74
C HIS D 256 -33.57 -9.61 -1.18
N TYR D 257 -34.51 -9.47 -2.11
CA TYR D 257 -34.97 -8.15 -2.55
C TYR D 257 -36.39 -8.29 -3.07
N PRO D 258 -37.37 -8.32 -2.16
CA PRO D 258 -38.75 -8.18 -2.59
C PRO D 258 -38.98 -6.77 -3.13
N LEU D 259 -39.99 -6.63 -3.99
CA LEU D 259 -40.27 -5.35 -4.62
C LEU D 259 -40.48 -4.28 -3.55
N PHE D 260 -39.87 -3.10 -3.77
CA PHE D 260 -39.91 -1.94 -2.89
C PHE D 260 -39.03 -2.09 -1.66
N LYS D 261 -38.13 -3.09 -1.60
CA LYS D 261 -37.43 -3.36 -0.34
C LYS D 261 -36.75 -2.12 0.20
N ASP D 262 -36.12 -1.34 -0.68
CA ASP D 262 -35.29 -0.21 -0.24
C ASP D 262 -36.13 0.94 0.30
N ILE D 263 -37.20 1.33 -0.42
CA ILE D 263 -38.04 2.41 0.06
C ILE D 263 -38.66 2.05 1.41
N VAL D 264 -39.13 0.81 1.56
CA VAL D 264 -39.69 0.39 2.84
C VAL D 264 -38.62 0.38 3.92
N GLU D 265 -37.47 -0.23 3.64
CA GLU D 265 -36.41 -0.29 4.65
C GLU D 265 -35.92 1.12 5.01
N ILE D 266 -35.79 2.02 4.02
CA ILE D 266 -35.29 3.36 4.35
C ILE D 266 -36.22 4.07 5.32
N ARG D 267 -37.53 4.06 5.04
CA ARG D 267 -38.49 4.80 5.87
C ARG D 267 -38.59 4.25 7.28
N GLU D 268 -38.50 2.92 7.43
CA GLU D 268 -38.63 2.30 8.74
C GLU D 268 -37.47 2.65 9.64
N ALA D 269 -36.26 2.70 9.08
CA ALA D 269 -35.08 2.96 9.89
C ALA D 269 -34.88 4.44 10.14
N ALA D 270 -35.62 5.29 9.41
CA ALA D 270 -35.50 6.74 9.41
C ALA D 270 -36.56 7.45 10.24
N LEU D 271 -37.72 6.81 10.41
CA LEU D 271 -38.77 7.35 11.29
C LEU D 271 -38.28 7.65 12.71
N PRO D 272 -37.51 6.76 13.39
CA PRO D 272 -37.01 7.14 14.72
C PRO D 272 -36.26 8.47 14.72
N TRP D 273 -35.40 8.69 13.72
CA TRP D 273 -34.58 9.89 13.69
C TRP D 273 -35.40 11.15 13.43
N ALA D 274 -36.54 11.01 12.76
CA ALA D 274 -37.38 12.16 12.43
C ALA D 274 -37.86 12.88 13.67
N LYS D 275 -37.72 12.27 14.85
CA LYS D 275 -38.10 12.80 16.15
C LYS D 275 -36.97 13.49 16.88
N VAL D 276 -35.73 13.36 16.44
CA VAL D 276 -34.60 13.98 17.12
C VAL D 276 -33.88 15.00 16.25
N SER D 277 -34.27 15.17 14.99
CA SER D 277 -33.56 16.10 14.12
C SER D 277 -34.50 16.62 13.04
N LYS D 278 -34.51 17.96 12.89
CA LYS D 278 -35.31 18.62 11.86
C LYS D 278 -34.86 18.22 10.45
N THR D 279 -33.55 18.08 10.24
CA THR D 279 -33.07 17.54 8.96
C THR D 279 -33.55 16.10 8.77
N ALA D 280 -33.54 15.30 9.83
CA ALA D 280 -34.08 13.95 9.71
C ALA D 280 -35.56 14.00 9.37
N GLN D 281 -36.29 14.98 9.92
CA GLN D 281 -37.71 15.09 9.59
C GLN D 281 -37.90 15.47 8.11
N ALA D 282 -37.02 16.34 7.59
CA ALA D 282 -37.03 16.67 6.16
C ALA D 282 -36.60 15.48 5.32
N PHE D 283 -35.64 14.67 5.80
CA PHE D 283 -35.27 13.44 5.08
C PHE D 283 -36.44 12.48 4.94
N PHE D 284 -37.11 12.17 6.06
CA PHE D 284 -38.23 11.23 5.98
C PHE D 284 -39.35 11.77 5.07
N GLU D 285 -39.63 13.08 5.13
CA GLU D 285 -40.70 13.64 4.30
C GLU D 285 -40.30 13.79 2.83
N ALA D 286 -39.01 13.90 2.53
CA ALA D 286 -38.59 13.91 1.14
C ALA D 286 -38.49 12.51 0.53
N MET D 287 -38.46 11.46 1.36
CA MET D 287 -38.42 10.07 0.87
C MET D 287 -39.65 9.73 0.04
N PRO D 288 -39.48 9.19 -1.16
CA PRO D 288 -40.65 8.70 -1.92
C PRO D 288 -41.30 7.52 -1.19
N GLU D 289 -42.52 7.21 -1.62
CA GLU D 289 -43.35 6.18 -0.98
C GLU D 289 -43.64 5.02 -1.93
N VAL D 290 -44.09 3.91 -1.34
CA VAL D 290 -44.59 2.80 -2.15
C VAL D 290 -45.81 3.28 -2.93
N THR D 291 -46.15 2.54 -3.99
CA THR D 291 -47.29 2.91 -4.83
C THR D 291 -48.64 2.86 -4.12
S SO4 E . 7.67 0.42 0.09
O1 SO4 E . 6.89 1.22 1.08
O2 SO4 E . 8.22 1.34 -0.99
O3 SO4 E . 8.80 -0.33 0.76
O4 SO4 E . 6.77 -0.64 -0.51
CA CA F . 24.77 -6.09 7.48
C1 GOL G . -4.29 -18.58 7.69
O1 GOL G . -4.41 -19.41 6.56
C2 GOL G . -3.69 -17.22 7.35
O2 GOL G . -4.51 -16.18 7.91
C3 GOL G . -2.27 -17.12 7.89
O3 GOL G . -2.34 -16.42 9.13
N GLY H . 26.31 -5.68 4.66
CA GLY H . 26.34 -6.14 3.29
C GLY H . 24.94 -6.50 2.80
O GLY H . 23.95 -6.09 3.41
OXT GLY H . 24.80 -7.23 1.80
S SO4 I . -6.60 2.12 0.23
O1 SO4 I . -6.26 3.30 1.11
O2 SO4 I . -6.58 2.59 -1.20
O3 SO4 I . -5.62 1.00 0.48
O4 SO4 I . -7.99 1.63 0.57
CA CA J . -25.39 1.40 -7.66
N GLY K . -27.40 1.44 -4.72
CA GLY K . -27.05 1.35 -3.31
C GLY K . -25.74 0.67 -3.07
O GLY K . -24.80 0.77 -3.86
OXT GLY K . -25.64 -0.04 -2.05
#